data_9HHB
#
_entry.id   9HHB
#
_cell.length_a   92.382
_cell.length_b   92.382
_cell.length_c   69.811
_cell.angle_alpha   90.00
_cell.angle_beta   90.00
_cell.angle_gamma   120.00
#
_symmetry.space_group_name_H-M   'P 62 2 2'
#
loop_
_entity.id
_entity.type
_entity.pdbx_description
1 polymer 'Bromo domain-containing protein'
2 non-polymer 'SULFATE ION'
3 non-polymer ~{N}-[2-methyl-3-(3-methyl-4-oxidanylidene-5,6,7,8-tetrahydro-2~{H}-cyclohepta[c]pyrrol-1-yl)phenyl]methanesulfonamide
4 water water
#
_entity_poly.entity_id   1
_entity_poly.type   'polypeptide(L)'
_entity_poly.pdbx_seq_one_letter_code
;SFNKQWYLLANQIIQSLSKYEGGHIFEKLVDAKKQNCPDYYDVIKNPMSFSCVKTKLKKGQYGLPTEFIKDVQLIFDNCS
LYNTSGSLVAITGKNIEAYFNNQLIVTGYNNFVTKANTINERLQKVEDENLE
;
_entity_poly.pdbx_strand_id   A
#
loop_
_chem_comp.id
_chem_comp.type
_chem_comp.name
_chem_comp.formula
A1IUY non-polymer ~{N}-[2-methyl-3-(3-methyl-4-oxidanylidene-5,6,7,8-tetrahydro-2~{H}-cyclohepta[c]pyrrol-1-yl)phenyl]methanesulfonamide 'C18 H22 N2 O3 S'
SO4 non-polymer 'SULFATE ION' 'O4 S -2'
#
# COMPACT_ATOMS: atom_id res chain seq x y z
N SER A 1 4.54 -23.36 2.03
CA SER A 1 4.01 -22.91 3.31
C SER A 1 2.91 -21.86 3.11
N PHE A 2 1.94 -21.85 4.04
CA PHE A 2 0.84 -20.90 3.95
C PHE A 2 1.35 -19.46 3.98
N ASN A 3 2.16 -19.13 4.99
CA ASN A 3 2.67 -17.77 5.10
C ASN A 3 3.66 -17.43 3.98
N LYS A 4 4.40 -18.43 3.50
CA LYS A 4 5.35 -18.16 2.42
C LYS A 4 4.65 -17.81 1.12
N GLN A 5 3.46 -18.35 0.87
CA GLN A 5 2.79 -18.12 -0.40
C GLN A 5 2.21 -16.71 -0.48
N TRP A 6 1.47 -16.28 0.54
CA TRP A 6 0.91 -14.94 0.48
C TRP A 6 1.97 -13.87 0.75
N TYR A 7 3.10 -14.24 1.35
CA TYR A 7 4.25 -13.34 1.34
C TYR A 7 4.76 -13.15 -0.07
N LEU A 8 4.88 -14.24 -0.83
N LEU A 8 4.88 -14.24 -0.83
CA LEU A 8 5.28 -14.15 -2.23
CA LEU A 8 5.28 -14.13 -2.23
C LEU A 8 4.26 -13.36 -3.04
C LEU A 8 4.26 -13.36 -3.05
N LEU A 9 2.97 -13.61 -2.80
CA LEU A 9 1.94 -12.92 -3.56
C LEU A 9 1.89 -11.44 -3.20
N ALA A 10 2.10 -11.10 -1.94
CA ALA A 10 2.12 -9.69 -1.54
C ALA A 10 3.32 -8.97 -2.16
N ASN A 11 4.45 -9.65 -2.30
CA ASN A 11 5.61 -9.05 -2.94
C ASN A 11 5.33 -8.76 -4.41
N GLN A 12 4.68 -9.69 -5.12
CA GLN A 12 4.35 -9.46 -6.51
C GLN A 12 3.35 -8.33 -6.67
N ILE A 13 2.38 -8.24 -5.77
CA ILE A 13 1.35 -7.21 -5.87
C ILE A 13 1.94 -5.83 -5.59
N ILE A 14 2.75 -5.71 -4.54
CA ILE A 14 3.35 -4.42 -4.21
C ILE A 14 4.33 -4.00 -5.29
N GLN A 15 4.93 -4.95 -6.00
CA GLN A 15 5.83 -4.61 -7.09
C GLN A 15 5.07 -4.08 -8.29
N SER A 16 3.88 -4.63 -8.55
CA SER A 16 3.07 -4.14 -9.66
C SER A 16 2.54 -2.74 -9.38
N LEU A 17 2.28 -2.41 -8.11
CA LEU A 17 1.90 -1.04 -7.77
C LEU A 17 3.05 -0.08 -7.99
N SER A 18 4.28 -0.52 -7.78
CA SER A 18 5.43 0.35 -8.01
C SER A 18 5.65 0.60 -9.49
N LYS A 19 5.30 -0.37 -10.34
CA LYS A 19 5.44 -0.23 -11.78
C LYS A 19 4.23 0.44 -12.43
N TYR A 20 3.15 0.65 -11.68
CA TYR A 20 1.97 1.30 -12.23
C TYR A 20 2.26 2.75 -12.57
N GLU A 21 1.57 3.25 -13.61
CA GLU A 21 1.77 4.61 -14.07
C GLU A 21 1.51 5.61 -12.95
N GLY A 22 2.53 6.40 -12.62
CA GLY A 22 2.46 7.33 -11.51
C GLY A 22 2.70 6.73 -10.14
N GLY A 23 2.96 5.43 -10.05
CA GLY A 23 3.13 4.78 -8.77
C GLY A 23 4.39 5.21 -8.03
N HIS A 24 5.32 5.87 -8.70
CA HIS A 24 6.57 6.29 -8.06
C HIS A 24 6.33 7.29 -6.95
N ILE A 25 5.21 8.01 -6.95
CA ILE A 25 4.95 8.98 -5.91
C ILE A 25 4.63 8.32 -4.58
N PHE A 26 4.21 7.05 -4.60
CA PHE A 26 3.96 6.30 -3.38
C PHE A 26 5.11 5.37 -3.01
N GLU A 27 6.21 5.40 -3.76
CA GLU A 27 7.31 4.48 -3.49
C GLU A 27 8.02 4.83 -2.19
N LYS A 28 8.43 6.09 -2.05
CA LYS A 28 9.14 6.54 -0.86
C LYS A 28 8.24 7.44 -0.03
N LEU A 29 8.65 7.63 1.24
CA LEU A 29 7.94 8.53 2.12
C LEU A 29 8.16 9.98 1.69
N VAL A 30 7.14 10.80 1.89
CA VAL A 30 7.19 12.18 1.44
C VAL A 30 8.24 12.96 2.23
N ASP A 31 9.12 13.66 1.51
CA ASP A 31 10.03 14.62 2.11
C ASP A 31 9.29 15.95 2.23
N ALA A 32 9.09 16.41 3.48
CA ALA A 32 8.26 17.59 3.71
C ALA A 32 8.86 18.84 3.08
N LYS A 33 10.18 19.00 3.16
CA LYS A 33 10.82 20.18 2.59
C LYS A 33 10.96 20.08 1.08
N LYS A 34 11.40 18.92 0.57
CA LYS A 34 11.64 18.79 -0.86
C LYS A 34 10.34 18.85 -1.65
N GLN A 35 9.29 18.19 -1.18
CA GLN A 35 8.02 18.16 -1.89
C GLN A 35 7.15 19.40 -1.61
N ASN A 36 7.68 20.39 -0.90
CA ASN A 36 6.99 21.67 -0.67
C ASN A 36 5.65 21.47 0.03
N CYS A 37 5.66 20.64 1.07
N CYS A 37 5.65 20.63 1.06
CA CYS A 37 4.46 20.36 1.87
CA CYS A 37 4.47 20.35 1.87
C CYS A 37 4.89 20.24 3.33
C CYS A 37 4.90 20.24 3.33
N PRO A 38 5.19 21.37 3.98
CA PRO A 38 5.72 21.32 5.35
C PRO A 38 4.71 20.85 6.39
N ASP A 39 3.43 20.78 6.06
CA ASP A 39 2.39 20.35 6.99
C ASP A 39 1.97 18.90 6.77
N TYR A 40 2.73 18.14 5.98
CA TYR A 40 2.30 16.79 5.62
C TYR A 40 2.20 15.90 6.86
N TYR A 41 3.21 15.92 7.71
CA TYR A 41 3.24 15.07 8.90
C TYR A 41 2.52 15.69 10.08
N ASP A 42 1.96 16.90 9.92
CA ASP A 42 0.97 17.39 10.87
C ASP A 42 -0.41 16.87 10.53
N VAL A 43 -0.64 16.52 9.27
CA VAL A 43 -1.92 15.97 8.82
C VAL A 43 -1.88 14.45 8.77
N ILE A 44 -0.78 13.88 8.32
CA ILE A 44 -0.61 12.44 8.21
C ILE A 44 0.22 11.97 9.40
N LYS A 45 -0.43 11.32 10.36
CA LYS A 45 0.24 10.82 11.56
C LYS A 45 0.71 9.38 11.42
N ASN A 46 0.28 8.67 10.39
CA ASN A 46 0.70 7.28 10.14
C ASN A 46 1.14 7.17 8.68
N PRO A 47 2.30 7.72 8.34
CA PRO A 47 2.76 7.68 6.95
C PRO A 47 3.13 6.27 6.53
N MET A 48 2.99 6.01 5.23
CA MET A 48 3.24 4.69 4.69
C MET A 48 3.58 4.82 3.21
N SER A 49 4.55 4.03 2.76
CA SER A 49 4.97 4.04 1.36
C SER A 49 5.14 2.61 0.88
N PHE A 50 5.30 2.46 -0.44
CA PHE A 50 5.55 1.13 -1.01
C PHE A 50 6.83 0.53 -0.46
N SER A 51 7.86 1.36 -0.26
CA SER A 51 9.12 0.87 0.29
C SER A 51 8.97 0.40 1.73
N CYS A 52 8.09 1.06 2.50
CA CYS A 52 7.82 0.60 3.86
C CYS A 52 7.22 -0.81 3.84
N VAL A 53 6.28 -1.04 2.93
CA VAL A 53 5.64 -2.34 2.82
C VAL A 53 6.63 -3.39 2.34
N LYS A 54 7.51 -3.01 1.39
CA LYS A 54 8.50 -3.95 0.89
C LYS A 54 9.47 -4.36 1.99
N THR A 55 9.84 -3.41 2.86
CA THR A 55 10.74 -3.74 3.96
C THR A 55 10.09 -4.71 4.94
N LYS A 56 8.81 -4.48 5.25
CA LYS A 56 8.11 -5.37 6.18
C LYS A 56 7.97 -6.77 5.60
N LEU A 57 7.74 -6.88 4.29
CA LEU A 57 7.72 -8.19 3.66
C LEU A 57 9.11 -8.81 3.63
N LYS A 58 10.15 -7.99 3.54
CA LYS A 58 11.51 -8.51 3.54
C LYS A 58 11.92 -9.00 4.92
N LYS A 59 11.63 -8.22 5.96
CA LYS A 59 12.04 -8.54 7.32
C LYS A 59 11.12 -9.54 8.00
N GLY A 60 9.91 -9.76 7.47
CA GLY A 60 8.99 -10.67 8.10
C GLY A 60 8.26 -10.05 9.28
N GLN A 61 7.66 -8.89 9.06
CA GLN A 61 6.92 -8.18 10.09
C GLN A 61 5.42 -8.45 10.06
N TYR A 62 4.91 -9.06 9.00
CA TYR A 62 3.49 -9.36 8.89
C TYR A 62 3.20 -10.76 9.41
N GLY A 63 2.21 -10.87 10.28
CA GLY A 63 1.80 -12.17 10.78
C GLY A 63 0.56 -12.69 10.09
N LEU A 64 -0.25 -11.78 9.57
CA LEU A 64 -1.51 -12.13 8.91
C LEU A 64 -1.56 -11.46 7.54
N PRO A 65 -2.19 -12.11 6.56
CA PRO A 65 -2.29 -11.50 5.22
C PRO A 65 -3.08 -10.20 5.21
N THR A 66 -3.95 -9.97 6.20
CA THR A 66 -4.69 -8.72 6.26
C THR A 66 -3.81 -7.54 6.65
N GLU A 67 -2.70 -7.79 7.35
CA GLU A 67 -1.81 -6.70 7.73
C GLU A 67 -1.16 -6.06 6.51
N PHE A 68 -0.94 -6.83 5.44
CA PHE A 68 -0.43 -6.27 4.20
C PHE A 68 -1.45 -5.36 3.55
N ILE A 69 -2.71 -5.79 3.51
CA ILE A 69 -3.76 -4.99 2.88
C ILE A 69 -3.97 -3.68 3.62
N LYS A 70 -3.86 -3.71 4.95
CA LYS A 70 -4.10 -2.51 5.74
C LYS A 70 -3.02 -1.46 5.52
N ASP A 71 -1.76 -1.89 5.39
CA ASP A 71 -0.69 -0.94 5.16
C ASP A 71 -0.80 -0.31 3.78
N VAL A 72 -1.19 -1.09 2.78
CA VAL A 72 -1.34 -0.55 1.43
C VAL A 72 -2.52 0.42 1.39
N GLN A 73 -3.64 0.04 2.00
CA GLN A 73 -4.80 0.93 2.06
C GLN A 73 -4.49 2.20 2.84
N LEU A 74 -3.57 2.12 3.80
CA LEU A 74 -3.16 3.32 4.54
C LEU A 74 -2.51 4.34 3.62
N ILE A 75 -1.76 3.87 2.63
CA ILE A 75 -1.14 4.78 1.66
C ILE A 75 -2.22 5.54 0.91
N PHE A 76 -3.23 4.83 0.42
CA PHE A 76 -4.30 5.49 -0.34
C PHE A 76 -5.21 6.31 0.56
N ASP A 77 -5.35 5.92 1.82
CA ASP A 77 -6.14 6.71 2.76
C ASP A 77 -5.43 8.00 3.13
N ASN A 78 -4.11 7.93 3.36
CA ASN A 78 -3.33 9.14 3.55
C ASN A 78 -3.36 10.03 2.30
N CYS A 79 -3.43 9.42 1.12
CA CYS A 79 -3.45 10.19 -0.12
C CYS A 79 -4.74 10.99 -0.24
N SER A 80 -5.89 10.32 -0.11
CA SER A 80 -7.17 11.01 -0.23
C SER A 80 -7.39 11.99 0.90
N LEU A 81 -6.69 11.84 2.03
CA LEU A 81 -6.86 12.76 3.14
C LEU A 81 -6.12 14.08 2.90
N TYR A 82 -4.83 14.00 2.57
CA TYR A 82 -4.04 15.22 2.43
C TYR A 82 -4.30 15.95 1.12
N ASN A 83 -4.66 15.22 0.07
CA ASN A 83 -4.77 15.79 -1.26
C ASN A 83 -6.23 16.06 -1.63
N THR A 84 -6.46 17.21 -2.26
CA THR A 84 -7.80 17.58 -2.69
C THR A 84 -8.32 16.59 -3.72
N SER A 85 -9.64 16.35 -3.69
CA SER A 85 -10.24 15.26 -4.45
C SER A 85 -9.87 15.28 -5.92
N GLY A 86 -9.65 16.46 -6.49
CA GLY A 86 -9.38 16.58 -7.91
C GLY A 86 -7.93 16.71 -8.30
N SER A 87 -7.01 16.76 -7.34
CA SER A 87 -5.60 17.01 -7.63
C SER A 87 -4.98 15.82 -8.37
N LEU A 88 -3.82 16.07 -8.98
CA LEU A 88 -3.10 15.02 -9.69
C LEU A 88 -2.74 13.85 -8.78
N VAL A 89 -2.28 14.16 -7.57
CA VAL A 89 -1.88 13.10 -6.63
C VAL A 89 -3.10 12.27 -6.23
N ALA A 90 -4.22 12.93 -5.93
CA ALA A 90 -5.41 12.21 -5.50
C ALA A 90 -5.96 11.35 -6.64
N ILE A 91 -5.86 11.83 -7.88
CA ILE A 91 -6.33 11.05 -9.02
C ILE A 91 -5.54 9.75 -9.14
N THR A 92 -4.20 9.86 -9.10
CA THR A 92 -3.37 8.67 -9.21
C THR A 92 -3.55 7.74 -8.02
N GLY A 93 -3.81 8.30 -6.83
CA GLY A 93 -4.10 7.46 -5.69
C GLY A 93 -5.34 6.63 -5.88
N LYS A 94 -6.41 7.26 -6.36
CA LYS A 94 -7.64 6.53 -6.64
C LYS A 94 -7.42 5.49 -7.74
N ASN A 95 -6.57 5.80 -8.72
CA ASN A 95 -6.30 4.86 -9.80
C ASN A 95 -5.62 3.61 -9.29
N ILE A 96 -4.53 3.78 -8.54
CA ILE A 96 -3.77 2.63 -8.05
C ILE A 96 -4.56 1.86 -7.02
N GLU A 97 -5.36 2.56 -6.21
CA GLU A 97 -6.21 1.88 -5.23
C GLU A 97 -7.19 0.95 -5.92
N ALA A 98 -7.82 1.43 -7.00
CA ALA A 98 -8.72 0.56 -7.77
C ALA A 98 -7.96 -0.59 -8.39
N TYR A 99 -6.73 -0.34 -8.86
CA TYR A 99 -5.91 -1.42 -9.40
C TYR A 99 -5.51 -2.40 -8.31
N PHE A 100 -5.17 -1.88 -7.12
CA PHE A 100 -4.77 -2.75 -6.02
C PHE A 100 -5.92 -3.63 -5.57
N ASN A 101 -7.12 -3.07 -5.45
CA ASN A 101 -8.27 -3.86 -5.02
C ASN A 101 -8.63 -4.94 -6.04
N ASN A 102 -8.42 -4.67 -7.33
CA ASN A 102 -8.69 -5.70 -8.34
C ASN A 102 -7.61 -6.77 -8.34
N GLN A 103 -6.37 -6.40 -8.01
CA GLN A 103 -5.30 -7.40 -7.95
C GLN A 103 -5.51 -8.38 -6.80
N LEU A 104 -6.07 -7.90 -5.69
CA LEU A 104 -6.35 -8.79 -4.57
C LEU A 104 -7.32 -9.89 -4.96
N ILE A 105 -8.13 -9.66 -5.99
CA ILE A 105 -9.10 -10.65 -6.46
C ILE A 105 -8.49 -11.57 -7.50
N VAL A 106 -7.80 -11.02 -8.49
CA VAL A 106 -7.32 -11.83 -9.60
C VAL A 106 -6.14 -12.70 -9.18
N THR A 107 -5.33 -12.24 -8.22
CA THR A 107 -4.24 -13.07 -7.72
C THR A 107 -4.72 -14.11 -6.71
N GLY A 108 -5.93 -13.96 -6.18
CA GLY A 108 -6.41 -14.84 -5.14
C GLY A 108 -5.92 -14.51 -3.75
N TYR A 109 -5.37 -13.30 -3.54
CA TYR A 109 -4.88 -12.94 -2.23
C TYR A 109 -6.01 -12.89 -1.21
N ASN A 110 -7.23 -12.59 -1.65
CA ASN A 110 -8.37 -12.59 -0.73
C ASN A 110 -8.64 -13.99 -0.18
N ASN A 111 -8.28 -15.02 -0.93
CA ASN A 111 -8.45 -16.39 -0.43
C ASN A 111 -7.58 -16.63 0.79
N PHE A 112 -6.35 -16.10 0.78
CA PHE A 112 -5.52 -16.17 1.98
C PHE A 112 -6.12 -15.37 3.13
N VAL A 113 -6.82 -14.28 2.81
CA VAL A 113 -7.50 -13.49 3.82
C VAL A 113 -8.67 -14.28 4.40
N THR A 114 -9.45 -14.94 3.54
CA THR A 114 -10.62 -15.68 3.99
C THR A 114 -10.21 -16.85 4.90
N LYS A 115 -9.20 -17.62 4.48
CA LYS A 115 -8.78 -18.75 5.29
C LYS A 115 -8.13 -18.31 6.59
N ALA A 116 -7.51 -17.12 6.60
CA ALA A 116 -6.85 -16.65 7.81
C ALA A 116 -7.84 -16.16 8.85
N ASN A 117 -8.98 -15.61 8.44
CA ASN A 117 -9.96 -15.13 9.40
C ASN A 117 -10.64 -16.28 10.13
N THR A 118 -10.83 -17.42 9.45
CA THR A 118 -11.42 -18.59 10.11
C THR A 118 -10.45 -19.20 11.11
N ILE A 119 -9.15 -19.20 10.77
CA ILE A 119 -8.14 -19.71 11.70
C ILE A 119 -8.16 -18.91 13.00
N ASN A 120 -8.30 -17.60 12.90
CA ASN A 120 -8.32 -16.73 14.08
C ASN A 120 -9.75 -16.34 14.44
S SO4 B . 14.67 7.29 1.19
O1 SO4 B . 15.32 8.38 2.00
O2 SO4 B . 13.98 6.33 2.11
O3 SO4 B . 13.67 7.92 0.27
O4 SO4 B . 15.72 6.58 0.38
C01 A1IUY C . 3.49 15.17 -2.91
C01 A1IUY C . 3.32 15.19 -2.92
C02 A1IUY C . 3.63 15.89 -1.56
C02 A1IUY C . 3.84 15.83 -1.62
C03 A1IUY C . 2.28 16.27 -0.96
C03 A1IUY C . 2.89 15.66 -0.42
C04 A1IUY C . 1.16 15.33 -1.44
C04 A1IUY C . 1.52 15.10 -0.83
C05 A1IUY C . 1.39 13.81 -1.34
C05 A1IUY C . 1.44 13.63 -1.29
C07 A1IUY C . 2.38 13.01 -2.08
C07 A1IUY C . 2.41 12.92 -2.15
C08 A1IUY C . 3.40 13.69 -2.85
C08 A1IUY C . 3.32 13.69 -2.97
C09 A1IUY C . 2.59 11.62 -2.24
C09 A1IUY C . 2.66 11.56 -2.40
C10 A1IUY C . 1.85 10.43 -1.69
C10 A1IUY C . 2.03 10.32 -1.85
C12 A1IUY C . 4.19 12.68 -3.47
C12 A1IUY C . 4.13 12.76 -3.69
C13 A1IUY C . 5.38 12.76 -4.35
C13 A1IUY C . 5.23 12.93 -4.67
C14 A1IUY C . 6.58 12.25 -3.82
C14 A1IUY C . 6.48 12.43 -4.27
C15 A1IUY C . 7.75 12.30 -4.59
C15 A1IUY C . 7.58 12.56 -5.13
C16 A1IUY C . 7.72 12.83 -5.88
C16 A1IUY C . 7.42 13.17 -6.38
C17 A1IUY C . 6.53 13.35 -6.45
C17 A1IUY C . 6.17 13.69 -6.82
C18 A1IUY C . 5.34 13.30 -5.67
C18 A1IUY C . 5.06 13.56 -5.94
C19 A1IUY C . 4.03 13.84 -6.21
C19 A1IUY C . 3.70 14.08 -6.33
C24 A1IUY C . 7.12 15.52 -10.02
C24 A1IUY C . 7.70 14.91 -10.33
N11 A1IUY C . 3.68 11.46 -3.07
N11 A1IUY C . 3.69 11.49 -3.32
N20 A1IUY C . 6.59 13.89 -7.82
N20 A1IUY C . 6.08 14.33 -8.14
O06 A1IUY C . 0.65 13.23 -0.53
O06 A1IUY C . 0.44 13.02 -0.88
O22 A1IUY C . 8.09 15.97 -7.67
O22 A1IUY C . 5.46 13.62 -10.52
O23 A1IUY C . 5.78 16.30 -7.93
O23 A1IUY C . 7.24 12.48 -9.47
S21 A1IUY C . 6.90 15.51 -8.27
S21 A1IUY C . 6.58 13.73 -9.66
#